data_3JZ0
#
_entry.id   3JZ0
#
_cell.length_a   63.689
_cell.length_b   96.064
_cell.length_c   102.708
_cell.angle_alpha   90.00
_cell.angle_beta   90.00
_cell.angle_gamma   90.00
#
_symmetry.space_group_name_H-M   'P 21 21 21'
#
loop_
_entity.id
_entity.type
_entity.pdbx_description
1 polymer 'Lincosamide nucleotidyltransferase'
2 non-polymer 'MAGNESIUM ION'
3 non-polymer 'DIPHOSPHOMETHYLPHOSPHONIC ACID ADENOSYL ESTER'
4 non-polymer CLINDAMYCIN
5 water water
#
_entity_poly.entity_id   1
_entity_poly.type   'polypeptide(L)'
_entity_poly.pdbx_seq_one_letter_code
;MGSSHHHHHHSSGLVPRGSHMLKQKELIANVKNLTESDERITACMMYGSFTKGEGDQYSDIEFYIFLKHSITSNFDSSNW
LFDVAPYLMLYKNEYGTEVVIFDNLIRGEFHFLSEKDMNIIPSFKDSGYIPDTKAMLIYDETGQLENYLSEISGARPNRL
TEENANFLLCNFSNLWLMGINVLKRGEYARSLELLSQLQKNTLQLIRMAEKNADNWLNMSKNLEKEISLENYKKFAKTTA
RLDKVELFEAYKNSLLLVMDLQSHLIEQYNLKVTHDILERLLNYISE
;
_entity_poly.pdbx_strand_id   A,B
#
# COMPACT_ATOMS: atom_id res chain seq x y z
N LEU A 22 17.43 19.07 19.98
CA LEU A 22 16.26 18.43 19.31
C LEU A 22 15.43 17.64 20.31
N LYS A 23 14.12 17.82 20.24
CA LYS A 23 13.16 17.03 21.00
C LYS A 23 13.35 15.54 20.76
N GLN A 24 13.68 15.19 19.51
CA GLN A 24 13.94 13.79 19.14
C GLN A 24 15.11 13.19 19.94
N LYS A 25 16.19 13.95 20.08
CA LYS A 25 17.39 13.47 20.80
C LYS A 25 17.12 13.24 22.28
N GLU A 26 16.31 14.12 22.88
CA GLU A 26 15.89 13.98 24.28
C GLU A 26 15.11 12.67 24.49
N LEU A 27 14.19 12.38 23.56
CA LEU A 27 13.38 11.17 23.61
C LEU A 27 14.22 9.91 23.37
N ILE A 28 15.12 9.96 22.40
CA ILE A 28 16.05 8.84 22.16
C ILE A 28 16.88 8.55 23.42
N ALA A 29 17.34 9.62 24.07
CA ALA A 29 18.06 9.49 25.33
C ALA A 29 17.24 8.77 26.41
N ASN A 30 15.95 9.11 26.57
CA ASN A 30 15.06 8.43 27.54
CA ASN A 30 15.13 8.42 27.57
C ASN A 30 14.89 6.95 27.21
N VAL A 31 14.72 6.66 25.92
CA VAL A 31 14.60 5.28 25.45
C VAL A 31 15.87 4.49 25.80
N LYS A 32 17.04 5.07 25.49
CA LYS A 32 18.30 4.44 25.85
C LYS A 32 18.34 4.14 27.36
N ASN A 33 18.06 5.18 28.15
CA ASN A 33 18.02 5.08 29.60
C ASN A 33 17.09 3.97 30.12
N LEU A 34 15.85 3.94 29.64
CA LEU A 34 14.86 2.97 30.14
C LEU A 34 15.12 1.54 29.66
N THR A 35 15.50 1.39 28.39
CA THR A 35 15.79 0.07 27.83
C THR A 35 16.93 -0.63 28.60
N GLU A 36 17.98 0.11 28.95
CA GLU A 36 19.08 -0.41 29.76
CA GLU A 36 19.07 -0.46 29.75
C GLU A 36 18.59 -0.88 31.13
N SER A 37 17.96 0.05 31.86
CA SER A 37 17.58 -0.18 33.25
C SER A 37 16.48 -1.22 33.45
N ASP A 38 15.56 -1.31 32.48
CA ASP A 38 14.44 -2.24 32.60
C ASP A 38 14.92 -3.68 32.42
N GLU A 39 14.70 -4.50 33.44
CA GLU A 39 15.13 -5.91 33.42
C GLU A 39 14.34 -6.76 32.42
N ARG A 40 13.20 -6.24 31.99
CA ARG A 40 12.32 -6.93 31.05
C ARG A 40 12.78 -6.75 29.61
N ILE A 41 13.66 -5.77 29.39
CA ILE A 41 14.15 -5.43 28.05
C ILE A 41 15.61 -5.87 27.85
N THR A 42 15.81 -6.77 26.90
N THR A 42 15.83 -6.79 26.92
CA THR A 42 17.10 -7.38 26.63
CA THR A 42 17.20 -7.30 26.69
C THR A 42 17.95 -6.56 25.65
C THR A 42 17.99 -6.54 25.65
N ALA A 43 17.29 -5.96 24.67
CA ALA A 43 17.97 -5.19 23.64
C ALA A 43 17.05 -4.16 23.04
N CYS A 44 17.67 -3.10 22.52
CA CYS A 44 16.96 -2.07 21.79
C CYS A 44 17.77 -1.70 20.55
N MET A 45 17.14 -1.83 19.39
CA MET A 45 17.73 -1.44 18.12
C MET A 45 17.00 -0.22 17.56
N MET A 46 17.72 0.86 17.32
CA MET A 46 17.14 2.02 16.63
C MET A 46 17.32 1.86 15.11
N TYR A 47 16.43 2.45 14.32
CA TYR A 47 16.62 2.49 12.87
C TYR A 47 16.10 3.83 12.35
N GLY A 48 16.04 3.98 11.02
CA GLY A 48 15.56 5.22 10.42
C GLY A 48 16.64 6.26 10.31
N SER A 49 16.22 7.50 10.02
CA SER A 49 17.11 8.61 9.68
C SER A 49 18.16 8.99 10.72
N PHE A 50 17.86 8.82 12.01
CA PHE A 50 18.85 9.05 13.05
C PHE A 50 19.95 7.96 13.11
N THR A 51 19.82 6.92 12.29
CA THR A 51 20.90 5.93 12.13
C THR A 51 21.53 6.01 10.74
N LYS A 52 21.13 7.02 9.96
CA LYS A 52 21.55 7.13 8.54
C LYS A 52 22.06 8.52 8.17
N GLY A 53 22.37 9.33 9.19
CA GLY A 53 22.86 10.70 9.00
C GLY A 53 21.86 11.67 8.38
N GLU A 54 20.58 11.33 8.46
CA GLU A 54 19.51 12.13 7.84
C GLU A 54 18.50 12.71 8.84
N GLY A 55 18.71 12.47 10.14
CA GLY A 55 17.83 13.02 11.18
C GLY A 55 17.77 14.54 11.19
N ASP A 56 16.57 15.09 11.36
CA ASP A 56 16.39 16.53 11.55
C ASP A 56 15.17 16.85 12.44
N GLN A 57 14.82 18.12 12.56
CA GLN A 57 13.68 18.54 13.38
C GLN A 57 12.34 17.98 12.89
N TYR A 58 12.29 17.55 11.63
CA TYR A 58 11.06 16.98 11.07
C TYR A 58 10.97 15.46 11.21
N SER A 59 11.99 14.84 11.80
CA SER A 59 12.05 13.37 11.92
C SER A 59 11.17 12.82 13.04
N ASP A 60 10.85 11.54 12.90
CA ASP A 60 10.30 10.72 13.98
C ASP A 60 11.43 9.91 14.58
N ILE A 61 11.11 9.14 15.60
CA ILE A 61 12.07 8.23 16.21
C ILE A 61 11.48 6.83 16.14
N GLU A 62 12.33 5.80 16.06
CA GLU A 62 11.82 4.43 15.89
C GLU A 62 12.79 3.35 16.33
N PHE A 63 12.24 2.29 16.93
CA PHE A 63 13.03 1.27 17.59
C PHE A 63 12.34 -0.09 17.54
N TYR A 64 13.17 -1.13 17.54
CA TYR A 64 12.73 -2.47 17.90
C TYR A 64 13.15 -2.69 19.35
N ILE A 65 12.20 -3.12 20.17
CA ILE A 65 12.42 -3.39 21.59
C ILE A 65 12.31 -4.89 21.79
N PHE A 66 13.41 -5.52 22.21
CA PHE A 66 13.43 -6.97 22.41
C PHE A 66 13.28 -7.32 23.88
N LEU A 67 12.23 -8.09 24.17
CA LEU A 67 11.84 -8.42 25.55
C LEU A 67 12.24 -9.82 25.96
N LYS A 68 12.53 -10.00 27.25
CA LYS A 68 12.71 -11.35 27.81
C LYS A 68 11.49 -12.18 27.45
N HIS A 69 11.75 -13.43 27.04
CA HIS A 69 10.70 -14.25 26.43
C HIS A 69 9.47 -14.47 27.31
N SER A 70 9.69 -14.77 28.59
CA SER A 70 8.59 -15.06 29.53
C SER A 70 7.52 -13.96 29.63
N ILE A 71 7.94 -12.70 29.54
CA ILE A 71 7.03 -11.57 29.75
C ILE A 71 6.52 -10.88 28.47
N THR A 72 6.93 -11.38 27.31
CA THR A 72 6.54 -10.79 26.03
C THR A 72 5.02 -10.76 25.83
N SER A 73 4.35 -11.87 26.18
CA SER A 73 2.90 -12.02 25.98
C SER A 73 2.05 -10.97 26.71
N ASN A 74 2.43 -10.62 27.94
CA ASN A 74 1.61 -9.72 28.77
C ASN A 74 2.13 -8.28 28.91
N PHE A 75 3.31 -8.01 28.34
CA PHE A 75 3.98 -6.70 28.47
C PHE A 75 3.05 -5.54 28.15
N ASP A 76 2.97 -4.59 29.07
CA ASP A 76 2.11 -3.42 28.89
C ASP A 76 2.91 -2.32 28.22
N SER A 77 2.79 -2.24 26.90
CA SER A 77 3.57 -1.28 26.12
C SER A 77 3.09 0.14 26.36
N SER A 78 1.79 0.33 26.56
CA SER A 78 1.20 1.64 26.83
CA SER A 78 1.21 1.65 26.81
C SER A 78 1.80 2.27 28.08
N ASN A 79 1.94 1.47 29.14
CA ASN A 79 2.57 1.91 30.37
C ASN A 79 4.02 2.33 30.15
N TRP A 80 4.78 1.47 29.45
CA TRP A 80 6.21 1.73 29.22
C TRP A 80 6.46 2.93 28.33
N LEU A 81 5.67 3.07 27.27
CA LEU A 81 5.78 4.21 26.38
C LEU A 81 5.50 5.54 27.09
N PHE A 82 4.55 5.52 28.03
CA PHE A 82 4.28 6.69 28.88
C PHE A 82 5.50 7.08 29.72
N ASP A 83 6.22 6.07 30.23
CA ASP A 83 7.47 6.31 30.96
C ASP A 83 8.54 7.00 30.10
N VAL A 84 8.56 6.70 28.81
CA VAL A 84 9.44 7.42 27.86
C VAL A 84 9.06 8.90 27.83
N ALA A 85 7.76 9.18 27.65
CA ALA A 85 7.19 10.52 27.75
C ALA A 85 5.68 10.44 27.60
N PRO A 86 4.95 11.37 28.25
CA PRO A 86 3.50 11.42 28.05
C PRO A 86 3.14 11.54 26.57
N TYR A 87 2.09 10.82 26.16
CA TYR A 87 1.64 10.86 24.78
C TYR A 87 0.16 11.17 24.64
N LEU A 88 -0.19 11.74 23.49
CA LEU A 88 -1.57 12.11 23.19
C LEU A 88 -2.32 11.02 22.46
N MET A 89 -1.59 10.13 21.79
CA MET A 89 -2.20 9.10 20.97
C MET A 89 -1.30 7.90 20.81
N LEU A 90 -1.89 6.72 20.95
CA LEU A 90 -1.20 5.45 20.72
C LEU A 90 -2.14 4.47 20.04
N TYR A 91 -1.63 3.78 19.01
CA TYR A 91 -2.39 2.74 18.30
C TYR A 91 -1.43 1.80 17.59
N LYS A 92 -1.93 0.62 17.23
CA LYS A 92 -1.17 -0.32 16.41
C LYS A 92 -1.54 -0.08 14.96
N ASN A 93 -0.52 0.11 14.12
CA ASN A 93 -0.78 0.29 12.68
C ASN A 93 -0.89 -1.07 11.99
N GLU A 94 -1.05 -1.05 10.67
CA GLU A 94 -1.25 -2.27 9.85
C GLU A 94 -0.08 -3.26 9.94
N TYR A 95 1.10 -2.78 10.33
CA TYR A 95 2.29 -3.64 10.46
C TYR A 95 2.45 -4.17 11.88
N GLY A 96 1.48 -3.87 12.75
CA GLY A 96 1.56 -4.28 14.17
C GLY A 96 2.53 -3.45 14.99
N THR A 97 2.98 -2.32 14.42
CA THR A 97 3.86 -1.37 15.09
C THR A 97 3.06 -0.50 16.06
N GLU A 98 3.57 -0.32 17.29
CA GLU A 98 2.99 0.65 18.23
C GLU A 98 3.42 2.06 17.81
N VAL A 99 2.46 2.85 17.36
CA VAL A 99 2.74 4.19 16.86
C VAL A 99 2.22 5.20 17.89
N VAL A 100 3.10 6.15 18.23
CA VAL A 100 2.78 7.08 19.29
CA VAL A 100 2.86 7.08 19.33
C VAL A 100 3.04 8.52 18.87
N ILE A 101 2.11 9.39 19.22
CA ILE A 101 2.31 10.82 19.10
C ILE A 101 2.45 11.32 20.53
N PHE A 102 3.67 11.70 20.88
CA PHE A 102 3.99 12.20 22.21
C PHE A 102 3.39 13.61 22.36
N ASP A 103 3.23 14.08 23.60
CA ASP A 103 2.52 15.35 23.82
C ASP A 103 3.26 16.61 23.33
N ASN A 104 4.53 16.44 22.93
CA ASN A 104 5.28 17.48 22.24
C ASN A 104 5.21 17.32 20.71
N LEU A 105 4.28 16.46 20.27
CA LEU A 105 4.01 16.18 18.86
C LEU A 105 5.12 15.48 18.07
N ILE A 106 6.08 14.88 18.77
CA ILE A 106 7.06 14.02 18.12
C ILE A 106 6.41 12.66 17.88
N ARG A 107 6.61 12.10 16.69
CA ARG A 107 6.12 10.76 16.38
C ARG A 107 7.16 9.72 16.78
N GLY A 108 6.69 8.61 17.36
CA GLY A 108 7.56 7.48 17.70
C GLY A 108 6.96 6.15 17.24
N GLU A 109 7.81 5.28 16.72
CA GLU A 109 7.36 3.94 16.30
C GLU A 109 8.16 2.85 17.00
N PHE A 110 7.46 1.98 17.69
CA PHE A 110 8.09 1.01 18.56
C PHE A 110 7.55 -0.36 18.22
N HIS A 111 8.46 -1.28 17.90
CA HIS A 111 8.10 -2.67 17.60
C HIS A 111 8.59 -3.54 18.74
N PHE A 112 7.65 -4.10 19.51
CA PHE A 112 7.98 -4.96 20.65
C PHE A 112 7.94 -6.42 20.25
N LEU A 113 9.03 -7.13 20.52
CA LEU A 113 9.20 -8.53 20.12
C LEU A 113 9.96 -9.28 21.19
N SER A 114 9.78 -10.60 21.23
CA SER A 114 10.59 -11.45 22.07
C SER A 114 12.06 -11.39 21.64
N GLU A 115 12.94 -11.50 22.63
CA GLU A 115 14.36 -11.68 22.40
C GLU A 115 14.63 -12.81 21.41
N LYS A 116 13.76 -13.82 21.41
CA LYS A 116 13.93 -15.01 20.57
C LYS A 116 13.68 -14.71 19.09
N ASP A 117 13.06 -13.56 18.81
CA ASP A 117 12.84 -13.12 17.43
C ASP A 117 13.88 -12.10 16.97
N MET A 118 14.96 -11.96 17.73
CA MET A 118 16.04 -11.03 17.35
C MET A 118 16.67 -11.42 16.02
N ASN A 119 16.56 -12.69 15.66
CA ASN A 119 17.06 -13.16 14.37
C ASN A 119 16.29 -12.68 13.14
N ILE A 120 15.30 -11.81 13.32
CA ILE A 120 14.68 -11.14 12.18
C ILE A 120 15.63 -10.09 11.59
N ILE A 121 16.63 -9.70 12.38
CA ILE A 121 17.49 -8.57 12.04
C ILE A 121 18.23 -8.75 10.70
N PRO A 122 18.83 -9.95 10.45
CA PRO A 122 19.51 -10.12 9.16
C PRO A 122 18.65 -9.86 7.92
N SER A 123 17.34 -10.11 8.01
CA SER A 123 16.42 -9.86 6.88
C SER A 123 16.26 -8.37 6.55
N PHE A 124 16.59 -7.51 7.53
CA PHE A 124 16.52 -6.06 7.31
C PHE A 124 17.43 -5.58 6.19
N LYS A 125 18.44 -6.39 5.84
CA LYS A 125 19.33 -6.06 4.74
C LYS A 125 18.62 -5.96 3.38
N ASP A 126 17.46 -6.62 3.27
CA ASP A 126 16.65 -6.60 2.04
C ASP A 126 15.94 -5.26 1.83
N SER A 127 15.85 -4.46 2.90
CA SER A 127 15.12 -3.20 2.88
C SER A 127 15.85 -2.05 2.19
N GLY A 128 17.18 -2.15 2.14
CA GLY A 128 18.01 -1.07 1.60
C GLY A 128 19.41 -1.06 2.22
N TYR A 129 20.10 0.06 2.04
CA TYR A 129 21.49 0.24 2.46
C TYR A 129 21.55 0.50 3.97
N ILE A 130 22.49 -0.16 4.64
CA ILE A 130 22.66 -0.05 6.09
C ILE A 130 24.04 0.60 6.37
N PRO A 131 24.10 1.95 6.41
CA PRO A 131 25.39 2.64 6.50
C PRO A 131 26.04 2.63 7.89
N ASP A 132 25.25 2.44 8.95
CA ASP A 132 25.74 2.68 10.31
C ASP A 132 25.03 1.83 11.36
N THR A 133 25.59 0.65 11.62
CA THR A 133 25.01 -0.26 12.62
CA THR A 133 25.05 -0.28 12.62
C THR A 133 25.41 0.14 14.05
N LYS A 134 26.38 1.03 14.18
CA LYS A 134 26.79 1.54 15.49
C LYS A 134 25.68 2.41 16.09
N ALA A 135 25.16 3.34 15.31
CA ALA A 135 24.05 4.20 15.72
C ALA A 135 22.76 3.41 15.99
N MET A 136 22.66 2.23 15.37
CA MET A 136 21.49 1.35 15.56
C MET A 136 21.48 0.62 16.91
N LEU A 137 22.65 0.49 17.54
CA LEU A 137 22.72 -0.22 18.81
C LEU A 137 22.44 0.72 19.99
N ILE A 138 21.26 0.60 20.57
CA ILE A 138 20.87 1.42 21.71
C ILE A 138 21.20 0.72 23.03
N TYR A 139 20.80 -0.55 23.13
CA TYR A 139 21.12 -1.39 24.29
C TYR A 139 21.23 -2.85 23.88
N ASP A 140 22.14 -3.56 24.52
CA ASP A 140 22.42 -4.96 24.17
C ASP A 140 22.97 -5.66 25.41
N GLU A 141 22.08 -6.30 26.16
CA GLU A 141 22.43 -6.97 27.41
C GLU A 141 23.49 -8.06 27.20
N THR A 142 23.30 -8.88 26.17
CA THR A 142 24.07 -10.11 26.00
C THR A 142 25.19 -10.04 24.96
N GLY A 143 25.14 -9.03 24.09
CA GLY A 143 26.10 -8.91 22.99
C GLY A 143 25.52 -9.46 21.70
N GLN A 144 24.34 -10.08 21.81
CA GLN A 144 23.61 -10.68 20.71
C GLN A 144 23.20 -9.69 19.62
N LEU A 145 22.69 -8.53 20.02
CA LEU A 145 22.24 -7.53 19.07
C LEU A 145 23.39 -7.07 18.17
N GLU A 146 24.52 -6.71 18.78
CA GLU A 146 25.73 -6.29 18.06
C GLU A 146 26.12 -7.32 17.00
N ASN A 147 26.04 -8.60 17.37
CA ASN A 147 26.37 -9.68 16.45
C ASN A 147 25.45 -9.72 15.23
N TYR A 148 24.14 -9.58 15.43
CA TYR A 148 23.19 -9.57 14.30
C TYR A 148 23.42 -8.35 13.41
N LEU A 149 23.61 -7.20 14.05
CA LEU A 149 23.86 -5.95 13.34
C LEU A 149 25.12 -5.99 12.47
N SER A 150 26.18 -6.63 12.98
CA SER A 150 27.44 -6.77 12.25
CA SER A 150 27.42 -6.71 12.22
C SER A 150 27.22 -7.52 10.93
N GLU A 151 26.28 -8.47 10.94
CA GLU A 151 25.92 -9.23 9.73
C GLU A 151 25.32 -8.37 8.61
N ILE A 152 24.74 -7.22 8.96
CA ILE A 152 24.09 -6.36 7.96
C ILE A 152 24.83 -5.05 7.65
N SER A 153 25.87 -4.77 8.42
CA SER A 153 26.62 -3.51 8.29
CA SER A 153 26.62 -3.52 8.30
C SER A 153 27.23 -3.35 6.90
N GLY A 154 26.98 -2.20 6.29
CA GLY A 154 27.50 -1.88 4.95
C GLY A 154 26.75 -2.51 3.78
N ALA A 155 25.83 -3.43 4.08
CA ALA A 155 25.07 -4.16 3.08
C ALA A 155 24.04 -3.30 2.34
N ARG A 156 23.79 -3.66 1.09
CA ARG A 156 22.71 -3.08 0.28
C ARG A 156 22.31 -4.07 -0.80
N PRO A 157 21.00 -4.11 -1.13
CA PRO A 157 20.63 -4.87 -2.33
C PRO A 157 21.17 -4.17 -3.58
N ASN A 158 21.40 -4.95 -4.63
CA ASN A 158 21.60 -4.34 -5.93
C ASN A 158 20.26 -4.42 -6.67
N ARG A 159 19.63 -3.26 -6.82
CA ARG A 159 18.30 -3.16 -7.42
C ARG A 159 18.36 -3.20 -8.95
N LEU A 160 19.57 -3.10 -9.50
CA LEU A 160 19.75 -2.98 -10.94
C LEU A 160 19.74 -4.35 -11.62
N THR A 161 18.54 -4.90 -11.80
CA THR A 161 18.34 -6.25 -12.33
C THR A 161 17.23 -6.31 -13.36
N GLU A 162 17.31 -7.32 -14.23
CA GLU A 162 16.27 -7.61 -15.20
C GLU A 162 14.94 -7.93 -14.52
N GLU A 163 15.02 -8.63 -13.39
CA GLU A 163 13.83 -9.00 -12.63
C GLU A 163 13.06 -7.75 -12.17
N ASN A 164 13.78 -6.75 -11.66
CA ASN A 164 13.18 -5.49 -11.22
C ASN A 164 12.65 -4.64 -12.38
N ALA A 165 13.45 -4.50 -13.44
CA ALA A 165 13.03 -3.76 -14.63
C ALA A 165 11.73 -4.36 -15.20
N ASN A 166 11.69 -5.68 -15.33
CA ASN A 166 10.50 -6.36 -15.85
C ASN A 166 9.28 -6.24 -14.93
N PHE A 167 9.47 -6.47 -13.63
CA PHE A 167 8.33 -6.38 -12.71
C PHE A 167 7.74 -4.97 -12.73
N LEU A 168 8.60 -3.96 -12.66
CA LEU A 168 8.12 -2.56 -12.61
C LEU A 168 7.39 -2.14 -13.87
N LEU A 169 7.91 -2.53 -15.02
CA LEU A 169 7.28 -2.18 -16.31
C LEU A 169 5.95 -2.92 -16.49
N CYS A 170 5.93 -4.21 -16.15
CA CYS A 170 4.68 -4.99 -16.15
C CYS A 170 3.65 -4.46 -15.15
N ASN A 171 4.10 -4.20 -13.92
CA ASN A 171 3.21 -3.68 -12.87
C ASN A 171 2.66 -2.32 -13.28
N PHE A 172 3.52 -1.44 -13.81
CA PHE A 172 3.08 -0.14 -14.31
C PHE A 172 2.01 -0.29 -15.39
N SER A 173 2.28 -1.14 -16.39
CA SER A 173 1.34 -1.34 -17.49
C SER A 173 0.00 -1.89 -17.00
N ASN A 174 0.06 -2.85 -16.08
CA ASN A 174 -1.12 -3.39 -15.43
C ASN A 174 -1.95 -2.27 -14.79
N LEU A 175 -1.33 -1.55 -13.86
CA LEU A 175 -2.02 -0.50 -13.10
C LEU A 175 -2.45 0.67 -13.99
N TRP A 176 -1.63 1.00 -14.99
CA TRP A 176 -1.96 2.11 -15.89
C TRP A 176 -3.24 1.81 -16.70
N LEU A 177 -3.30 0.63 -17.30
CA LEU A 177 -4.43 0.24 -18.13
C LEU A 177 -5.71 0.12 -17.28
N MET A 178 -5.56 -0.42 -16.06
CA MET A 178 -6.65 -0.47 -15.11
C MET A 178 -7.13 0.94 -14.79
N GLY A 179 -6.18 1.82 -14.48
CA GLY A 179 -6.46 3.22 -14.16
C GLY A 179 -7.10 4.04 -15.28
N ILE A 180 -6.64 3.85 -16.52
CA ILE A 180 -7.20 4.61 -17.64
C ILE A 180 -8.64 4.17 -17.92
N ASN A 181 -8.90 2.89 -17.71
CA ASN A 181 -10.26 2.32 -17.80
C ASN A 181 -11.22 2.90 -16.77
N VAL A 182 -10.78 2.99 -15.51
CA VAL A 182 -11.66 3.55 -14.49
C VAL A 182 -11.84 5.06 -14.69
N LEU A 183 -10.83 5.72 -15.24
CA LEU A 183 -10.93 7.13 -15.59
C LEU A 183 -11.95 7.36 -16.71
N LYS A 184 -11.85 6.56 -17.77
CA LYS A 184 -12.82 6.60 -18.87
C LYS A 184 -14.25 6.35 -18.36
N ARG A 185 -14.39 5.40 -17.43
CA ARG A 185 -15.66 5.08 -16.79
C ARG A 185 -16.29 6.26 -16.04
N GLY A 186 -15.44 7.18 -15.57
CA GLY A 186 -15.89 8.29 -14.75
C GLY A 186 -15.70 8.05 -13.26
N GLU A 187 -14.96 7.00 -12.92
CA GLU A 187 -14.57 6.76 -11.53
C GLU A 187 -13.31 7.56 -11.21
N TYR A 188 -13.48 8.87 -11.08
CA TYR A 188 -12.37 9.81 -10.97
C TYR A 188 -11.57 9.62 -9.69
N ALA A 189 -12.25 9.40 -8.58
CA ALA A 189 -11.54 9.26 -7.30
C ALA A 189 -10.70 7.98 -7.30
N ARG A 190 -11.22 6.92 -7.91
CA ARG A 190 -10.47 5.67 -8.03
C ARG A 190 -9.28 5.79 -8.99
N SER A 191 -9.47 6.52 -10.09
CA SER A 191 -8.37 6.76 -11.02
C SER A 191 -7.24 7.55 -10.33
N LEU A 192 -7.62 8.46 -9.43
CA LEU A 192 -6.63 9.20 -8.64
C LEU A 192 -5.83 8.29 -7.72
N GLU A 193 -6.54 7.40 -7.03
CA GLU A 193 -5.93 6.40 -6.16
C GLU A 193 -4.91 5.55 -6.93
N LEU A 194 -5.33 5.07 -8.11
CA LEU A 194 -4.46 4.26 -8.94
C LEU A 194 -3.27 5.05 -9.46
N LEU A 195 -3.50 6.31 -9.80
CA LEU A 195 -2.41 7.20 -10.23
C LEU A 195 -1.30 7.27 -9.20
N SER A 196 -1.66 7.31 -7.92
CA SER A 196 -0.63 7.38 -6.86
C SER A 196 0.19 6.08 -6.76
N GLN A 197 -0.42 4.94 -7.10
CA GLN A 197 0.30 3.66 -7.14
C GLN A 197 1.27 3.64 -8.32
N LEU A 198 0.78 4.07 -9.49
CA LEU A 198 1.60 4.28 -10.68
C LEU A 198 2.80 5.16 -10.37
N GLN A 199 2.56 6.23 -9.62
CA GLN A 199 3.60 7.21 -9.31
C GLN A 199 4.77 6.56 -8.56
N LYS A 200 4.48 5.68 -7.60
CA LYS A 200 5.53 4.98 -6.86
C LYS A 200 6.35 4.05 -7.77
N ASN A 201 5.67 3.33 -8.68
CA ASN A 201 6.35 2.47 -9.65
C ASN A 201 7.24 3.31 -10.56
N THR A 202 6.74 4.48 -10.96
CA THR A 202 7.46 5.39 -11.83
C THR A 202 8.74 5.92 -11.14
N LEU A 203 8.67 6.21 -9.85
CA LEU A 203 9.86 6.65 -9.12
C LEU A 203 10.92 5.57 -9.08
N GLN A 204 10.50 4.32 -8.93
CA GLN A 204 11.45 3.20 -8.94
C GLN A 204 12.08 3.01 -10.33
N LEU A 205 11.27 3.16 -11.37
CA LEU A 205 11.78 3.12 -12.74
C LEU A 205 12.80 4.24 -13.05
N ILE A 206 12.55 5.46 -12.56
CA ILE A 206 13.49 6.56 -12.73
C ILE A 206 14.80 6.23 -12.00
N ARG A 207 14.68 5.67 -10.81
CA ARG A 207 15.84 5.27 -10.03
C ARG A 207 16.68 4.16 -10.70
N MET A 208 16.01 3.23 -11.39
CA MET A 208 16.72 2.23 -12.21
C MET A 208 17.45 2.88 -13.38
N ALA A 209 16.72 3.70 -14.15
CA ALA A 209 17.30 4.38 -15.33
C ALA A 209 18.48 5.27 -14.96
N GLU A 210 18.37 5.98 -13.84
CA GLU A 210 19.41 6.91 -13.42
C GLU A 210 20.43 6.25 -12.48
N LYS A 211 20.23 4.97 -12.19
CA LYS A 211 21.14 4.18 -11.36
C LYS A 211 21.43 4.84 -10.00
N ASN A 212 20.34 5.24 -9.34
CA ASN A 212 20.39 5.72 -7.98
C ASN A 212 19.24 5.08 -7.20
N ALA A 213 19.43 3.82 -6.85
CA ALA A 213 18.31 2.99 -6.43
C ALA A 213 18.33 2.50 -4.97
N ASP A 214 19.25 3.02 -4.16
CA ASP A 214 19.30 2.65 -2.73
C ASP A 214 17.97 2.90 -2.03
N ASN A 215 17.41 4.08 -2.26
CA ASN A 215 16.10 4.41 -1.73
C ASN A 215 15.02 3.86 -2.65
N TRP A 216 14.70 2.58 -2.41
CA TRP A 216 13.95 1.75 -3.33
C TRP A 216 12.52 1.54 -2.84
N LEU A 217 12.39 0.97 -1.64
CA LEU A 217 11.09 0.82 -1.01
C LEU A 217 10.58 2.17 -0.54
N ASN A 218 11.51 2.99 -0.05
CA ASN A 218 11.26 4.39 0.31
C ASN A 218 11.61 5.31 -0.87
N MET A 219 10.93 5.08 -2.00
CA MET A 219 11.35 5.62 -3.30
C MET A 219 11.30 7.14 -3.42
N SER A 220 10.48 7.78 -2.59
CA SER A 220 10.33 9.24 -2.64
C SER A 220 11.18 9.97 -1.58
N LYS A 221 11.86 9.20 -0.71
CA LYS A 221 12.80 9.80 0.24
C LYS A 221 13.89 10.56 -0.51
N ASN A 222 14.17 11.79 -0.07
CA ASN A 222 15.22 12.62 -0.68
C ASN A 222 15.06 12.84 -2.18
N LEU A 223 13.85 12.68 -2.71
CA LEU A 223 13.68 12.62 -4.16
C LEU A 223 14.19 13.85 -4.88
N GLU A 224 13.95 15.02 -4.27
CA GLU A 224 14.34 16.30 -4.84
C GLU A 224 15.86 16.42 -5.00
N LYS A 225 16.59 15.63 -4.21
CA LYS A 225 18.06 15.63 -4.17
C LYS A 225 18.69 14.49 -4.98
N GLU A 226 17.89 13.48 -5.31
CA GLU A 226 18.45 12.22 -5.78
C GLU A 226 18.16 11.87 -7.25
N ILE A 227 17.19 12.54 -7.84
CA ILE A 227 16.95 12.36 -9.27
C ILE A 227 17.19 13.67 -10.02
N SER A 228 17.45 13.55 -11.32
CA SER A 228 17.76 14.68 -12.19
C SER A 228 16.58 15.65 -12.24
N LEU A 229 16.88 16.93 -12.42
CA LEU A 229 15.85 17.95 -12.56
C LEU A 229 14.87 17.58 -13.66
N GLU A 230 15.38 17.08 -14.78
CA GLU A 230 14.60 16.70 -15.95
C GLU A 230 13.52 15.65 -15.60
N ASN A 231 13.91 14.58 -14.92
CA ASN A 231 12.93 13.54 -14.57
C ASN A 231 12.01 13.94 -13.43
N TYR A 232 12.47 14.82 -12.55
CA TYR A 232 11.61 15.36 -11.50
C TYR A 232 10.47 16.15 -12.13
N LYS A 233 10.81 17.06 -13.05
CA LYS A 233 9.83 17.86 -13.78
C LYS A 233 8.84 16.96 -14.54
N LYS A 234 9.35 15.91 -15.19
CA LYS A 234 8.49 14.95 -15.88
C LYS A 234 7.54 14.25 -14.89
N PHE A 235 8.10 13.83 -13.75
CA PHE A 235 7.30 13.18 -12.72
C PHE A 235 6.21 14.10 -12.19
N ALA A 236 6.55 15.38 -11.99
CA ALA A 236 5.58 16.36 -11.50
C ALA A 236 4.36 16.49 -12.42
N LYS A 237 4.57 16.27 -13.72
CA LYS A 237 3.49 16.36 -14.69
C LYS A 237 2.57 15.14 -14.67
N THR A 238 2.96 14.11 -13.93
CA THR A 238 2.13 12.90 -13.81
C THR A 238 1.19 13.00 -12.61
N THR A 239 1.18 14.16 -11.95
CA THR A 239 0.35 14.38 -10.78
C THR A 239 -0.90 15.19 -11.15
N ALA A 240 -1.98 14.95 -10.39
CA ALA A 240 -3.28 15.59 -10.67
C ALA A 240 -4.09 15.83 -9.41
N ARG A 241 -4.95 16.83 -9.46
CA ARG A 241 -6.01 16.97 -8.47
C ARG A 241 -7.20 16.15 -8.93
N LEU A 242 -8.24 16.05 -8.10
CA LEU A 242 -9.45 15.32 -8.47
C LEU A 242 -10.23 16.11 -9.53
N ASP A 243 -9.86 15.89 -10.80
CA ASP A 243 -10.40 16.63 -11.93
C ASP A 243 -10.19 15.85 -13.23
N LYS A 244 -11.25 15.68 -14.01
CA LYS A 244 -11.20 14.88 -15.23
C LYS A 244 -10.06 15.29 -16.17
N VAL A 245 -9.99 16.58 -16.48
CA VAL A 245 -8.96 17.07 -17.40
C VAL A 245 -7.55 16.85 -16.83
N GLU A 246 -7.32 17.22 -15.58
CA GLU A 246 -6.01 17.02 -14.95
C GLU A 246 -5.63 15.54 -14.90
N LEU A 247 -6.63 14.68 -14.63
CA LEU A 247 -6.40 13.24 -14.59
C LEU A 247 -5.98 12.65 -15.95
N PHE A 248 -6.65 13.04 -17.02
CA PHE A 248 -6.26 12.59 -18.37
C PHE A 248 -4.86 13.07 -18.74
N GLU A 249 -4.56 14.33 -18.39
CA GLU A 249 -3.22 14.89 -18.60
C GLU A 249 -2.15 14.07 -17.84
N ALA A 250 -2.40 13.81 -16.56
CA ALA A 250 -1.45 13.06 -15.71
C ALA A 250 -1.24 11.62 -16.18
N TYR A 251 -2.34 10.94 -16.54
CA TYR A 251 -2.25 9.57 -17.09
C TYR A 251 -1.45 9.49 -18.39
N LYS A 252 -1.67 10.44 -19.29
CA LYS A 252 -0.87 10.49 -20.51
C LYS A 252 0.62 10.75 -20.21
N ASN A 253 0.89 11.75 -19.38
CA ASN A 253 2.26 12.07 -19.02
C ASN A 253 2.95 10.93 -18.24
N SER A 254 2.16 10.21 -17.44
CA SER A 254 2.66 9.01 -16.78
C SER A 254 3.20 7.99 -17.80
N LEU A 255 2.38 7.66 -18.79
CA LEU A 255 2.78 6.67 -19.79
C LEU A 255 3.96 7.19 -20.63
N LEU A 256 3.92 8.47 -21.00
CA LEU A 256 4.98 9.06 -21.82
C LEU A 256 6.32 9.02 -21.10
N LEU A 257 6.32 9.28 -19.80
CA LEU A 257 7.53 9.21 -18.99
C LEU A 257 8.09 7.77 -18.98
N VAL A 258 7.21 6.80 -18.79
CA VAL A 258 7.61 5.39 -18.78
C VAL A 258 8.11 4.91 -20.15
N MET A 259 7.53 5.44 -21.22
CA MET A 259 8.04 5.23 -22.58
C MET A 259 9.48 5.73 -22.76
N ASP A 260 9.76 6.94 -22.25
CA ASP A 260 11.13 7.46 -22.19
C ASP A 260 12.06 6.55 -21.40
N LEU A 261 11.61 6.13 -20.22
CA LEU A 261 12.44 5.29 -19.33
C LEU A 261 12.70 3.92 -19.95
N GLN A 262 11.67 3.33 -20.55
CA GLN A 262 11.78 2.02 -21.20
C GLN A 262 12.83 2.05 -22.32
N SER A 263 12.86 3.15 -23.09
CA SER A 263 13.84 3.30 -24.16
C SER A 263 15.29 3.26 -23.66
N HIS A 264 15.51 3.67 -22.41
CA HIS A 264 16.82 3.54 -21.75
C HIS A 264 17.04 2.14 -21.19
N LEU A 265 16.03 1.60 -20.51
CA LEU A 265 16.15 0.32 -19.83
C LEU A 265 16.36 -0.86 -20.79
N ILE A 266 15.80 -0.74 -22.00
CA ILE A 266 15.86 -1.78 -23.03
C ILE A 266 17.30 -2.06 -23.47
N GLU A 267 18.17 -1.06 -23.32
CA GLU A 267 19.59 -1.19 -23.63
C GLU A 267 20.33 -2.07 -22.61
N GLN A 268 19.77 -2.14 -21.40
CA GLN A 268 20.44 -2.84 -20.29
C GLN A 268 19.83 -4.20 -19.97
N TYR A 269 18.54 -4.36 -20.24
CA TYR A 269 17.84 -5.59 -19.86
C TYR A 269 16.98 -6.10 -21.02
N ASN A 270 16.68 -7.39 -21.00
CA ASN A 270 15.68 -7.96 -21.91
C ASN A 270 14.31 -7.80 -21.27
N LEU A 271 13.43 -7.09 -21.97
CA LEU A 271 12.18 -6.62 -21.38
C LEU A 271 10.97 -7.19 -22.08
N LYS A 272 10.00 -7.64 -21.29
CA LYS A 272 8.74 -8.15 -21.82
C LYS A 272 7.88 -7.00 -22.36
N VAL A 273 7.93 -5.86 -21.66
CA VAL A 273 7.22 -4.66 -22.12
C VAL A 273 8.06 -3.86 -23.11
N THR A 274 7.57 -3.84 -24.34
CA THR A 274 8.24 -3.22 -25.48
C THR A 274 7.64 -1.85 -25.76
N HIS A 275 8.34 -1.07 -26.56
CA HIS A 275 7.81 0.20 -27.04
C HIS A 275 6.44 0.02 -27.73
N ASP A 276 6.32 -1.03 -28.54
CA ASP A 276 5.07 -1.30 -29.27
C ASP A 276 3.89 -1.50 -28.32
N ILE A 277 4.11 -2.23 -27.23
CA ILE A 277 3.06 -2.44 -26.25
C ILE A 277 2.65 -1.10 -25.61
N LEU A 278 3.63 -0.31 -25.21
CA LEU A 278 3.38 0.99 -24.59
C LEU A 278 2.61 1.94 -25.53
N GLU A 279 2.90 1.83 -26.82
CA GLU A 279 2.20 2.59 -27.85
C GLU A 279 0.74 2.16 -27.98
N ARG A 280 0.46 0.85 -27.85
CA ARG A 280 -0.91 0.34 -27.85
C ARG A 280 -1.70 0.98 -26.70
N LEU A 281 -1.09 1.02 -25.52
CA LEU A 281 -1.71 1.64 -24.36
C LEU A 281 -1.98 3.12 -24.60
N LEU A 282 -1.02 3.79 -25.23
CA LEU A 282 -1.12 5.22 -25.50
C LEU A 282 -2.30 5.50 -26.42
N ASN A 283 -2.43 4.72 -27.49
CA ASN A 283 -3.53 4.86 -28.43
C ASN A 283 -4.87 4.49 -27.81
N TYR A 284 -4.85 3.68 -26.75
CA TYR A 284 -6.07 3.29 -26.05
C TYR A 284 -6.76 4.46 -25.33
N ILE A 285 -5.99 5.48 -24.94
CA ILE A 285 -6.54 6.64 -24.24
C ILE A 285 -7.79 7.21 -24.93
N SER A 286 -7.75 7.28 -26.26
CA SER A 286 -8.83 7.90 -27.03
C SER A 286 -9.77 6.89 -27.72
N GLU A 287 -9.58 5.59 -27.48
CA GLU A 287 -10.40 4.55 -28.12
C GLU A 287 -11.78 4.38 -27.47
N LEU B 22 -20.05 -7.37 -25.05
CA LEU B 22 -18.73 -7.06 -24.42
C LEU B 22 -17.71 -8.15 -24.72
N LYS B 23 -16.51 -7.72 -25.12
CA LYS B 23 -15.38 -8.60 -25.28
C LYS B 23 -15.11 -9.41 -24.01
N GLN B 24 -15.30 -8.77 -22.85
CA GLN B 24 -15.13 -9.41 -21.54
C GLN B 24 -15.98 -10.67 -21.40
N LYS B 25 -17.23 -10.60 -21.86
CA LYS B 25 -18.17 -11.70 -21.69
C LYS B 25 -17.81 -12.86 -22.60
N GLU B 26 -17.27 -12.53 -23.77
CA GLU B 26 -16.74 -13.54 -24.71
C GLU B 26 -15.58 -14.30 -24.06
N LEU B 27 -14.71 -13.56 -23.35
CA LEU B 27 -13.58 -14.17 -22.64
C LEU B 27 -14.01 -15.02 -21.46
N ILE B 28 -14.97 -14.52 -20.68
CA ILE B 28 -15.57 -15.26 -19.55
C ILE B 28 -16.15 -16.60 -20.03
N ALA B 29 -16.92 -16.57 -21.12
CA ALA B 29 -17.44 -17.79 -21.75
C ALA B 29 -16.32 -18.77 -22.14
N ASN B 30 -15.22 -18.25 -22.69
CA ASN B 30 -14.05 -19.06 -23.02
C ASN B 30 -13.47 -19.74 -21.78
N VAL B 31 -13.31 -18.96 -20.71
CA VAL B 31 -12.84 -19.47 -19.42
C VAL B 31 -13.75 -20.59 -18.90
N LYS B 32 -15.06 -20.37 -18.94
CA LYS B 32 -16.02 -21.40 -18.53
C LYS B 32 -15.84 -22.68 -19.35
N ASN B 33 -15.77 -22.50 -20.67
CA ASN B 33 -15.55 -23.61 -21.60
C ASN B 33 -14.30 -24.43 -21.26
N LEU B 34 -13.16 -23.74 -21.10
CA LEU B 34 -11.88 -24.40 -20.90
C LEU B 34 -11.74 -25.04 -19.52
N THR B 35 -12.19 -24.33 -18.48
CA THR B 35 -12.11 -24.86 -17.11
C THR B 35 -12.96 -26.12 -16.93
N GLU B 36 -14.07 -26.21 -17.65
CA GLU B 36 -14.91 -27.41 -17.60
C GLU B 36 -14.26 -28.58 -18.33
N SER B 37 -13.67 -28.33 -19.50
CA SER B 37 -13.15 -29.39 -20.35
C SER B 37 -11.75 -29.90 -19.98
N ASP B 38 -10.98 -29.08 -19.28
CA ASP B 38 -9.59 -29.41 -18.95
C ASP B 38 -9.54 -30.26 -17.69
N GLU B 39 -8.88 -31.42 -17.79
CA GLU B 39 -8.75 -32.34 -16.66
C GLU B 39 -7.89 -31.78 -15.51
N ARG B 40 -6.98 -30.86 -15.84
CA ARG B 40 -6.06 -30.27 -14.87
C ARG B 40 -6.76 -29.30 -13.91
N ILE B 41 -7.93 -28.82 -14.33
CA ILE B 41 -8.70 -27.80 -13.59
C ILE B 41 -9.95 -28.43 -12.99
N THR B 42 -10.06 -28.35 -11.67
CA THR B 42 -11.14 -28.99 -10.97
C THR B 42 -12.23 -28.00 -10.55
N ALA B 43 -11.89 -26.71 -10.51
CA ALA B 43 -12.85 -25.67 -10.16
C ALA B 43 -12.42 -24.29 -10.66
N CYS B 44 -13.41 -23.44 -10.88
CA CYS B 44 -13.19 -22.06 -11.28
C CYS B 44 -14.23 -21.18 -10.57
N MET B 45 -13.73 -20.16 -9.86
CA MET B 45 -14.54 -19.18 -9.14
C MET B 45 -14.30 -17.82 -9.76
N MET B 46 -15.35 -17.20 -10.30
CA MET B 46 -15.24 -15.82 -10.76
C MET B 46 -15.54 -14.88 -9.59
N TYR B 47 -14.96 -13.69 -9.62
CA TYR B 47 -15.31 -12.64 -8.66
C TYR B 47 -15.24 -11.29 -9.37
N GLY B 48 -15.42 -10.19 -8.63
CA GLY B 48 -15.35 -8.85 -9.20
C GLY B 48 -16.67 -8.35 -9.75
N SER B 49 -16.61 -7.24 -10.49
CA SER B 49 -17.81 -6.55 -10.96
C SER B 49 -18.79 -7.41 -11.77
N PHE B 50 -18.29 -8.34 -12.59
CA PHE B 50 -19.17 -9.19 -13.39
C PHE B 50 -19.96 -10.21 -12.55
N THR B 51 -19.69 -10.25 -11.25
CA THR B 51 -20.44 -11.09 -10.34
C THR B 51 -21.35 -10.26 -9.44
N LYS B 52 -21.34 -8.95 -9.65
CA LYS B 52 -22.09 -8.01 -8.78
C LYS B 52 -22.95 -7.01 -9.57
N GLY B 53 -23.19 -7.29 -10.84
CA GLY B 53 -24.00 -6.40 -11.70
C GLY B 53 -23.34 -5.06 -12.01
N GLU B 54 -22.02 -5.00 -11.85
CA GLU B 54 -21.28 -3.74 -12.04
C GLU B 54 -20.28 -3.78 -13.21
N GLY B 55 -20.31 -4.88 -13.96
CA GLY B 55 -19.42 -5.06 -15.11
C GLY B 55 -19.77 -4.16 -16.28
N ASP B 56 -18.76 -3.53 -16.87
CA ASP B 56 -18.97 -2.77 -18.11
C ASP B 56 -17.78 -2.94 -19.05
N GLN B 57 -17.75 -2.17 -20.13
CA GLN B 57 -16.67 -2.27 -21.12
C GLN B 57 -15.29 -1.90 -20.56
N TYR B 58 -15.28 -1.21 -19.43
CA TYR B 58 -14.03 -0.76 -18.80
C TYR B 58 -13.50 -1.74 -17.74
N SER B 59 -14.25 -2.83 -17.52
CA SER B 59 -13.91 -3.81 -16.49
C SER B 59 -12.84 -4.80 -16.93
N ASP B 60 -12.18 -5.40 -15.95
CA ASP B 60 -11.36 -6.58 -16.21
C ASP B 60 -12.17 -7.85 -15.95
N ILE B 61 -11.52 -9.01 -16.09
CA ILE B 61 -12.15 -10.27 -15.73
C ILE B 61 -11.23 -10.95 -14.71
N GLU B 62 -11.79 -11.73 -13.78
CA GLU B 62 -10.96 -12.28 -12.70
C GLU B 62 -11.52 -13.56 -12.10
N PHE B 63 -10.62 -14.49 -11.79
CA PHE B 63 -10.99 -15.85 -11.40
C PHE B 63 -9.97 -16.43 -10.42
N TYR B 64 -10.43 -17.34 -9.58
CA TYR B 64 -9.56 -18.31 -8.94
C TYR B 64 -9.69 -19.62 -9.71
N ILE B 65 -8.55 -20.17 -10.14
CA ILE B 65 -8.53 -21.42 -10.90
C ILE B 65 -7.94 -22.50 -9.98
N PHE B 66 -8.75 -23.49 -9.65
CA PHE B 66 -8.32 -24.54 -8.73
C PHE B 66 -7.87 -25.79 -9.49
N LEU B 67 -6.63 -26.19 -9.23
CA LEU B 67 -5.95 -27.20 -10.04
C LEU B 67 -5.82 -28.53 -9.31
N LYS B 68 -5.71 -29.61 -10.08
CA LYS B 68 -5.34 -30.91 -9.51
C LYS B 68 -4.10 -30.71 -8.65
N HIS B 69 -4.17 -31.17 -7.41
CA HIS B 69 -3.13 -30.89 -6.42
C HIS B 69 -1.73 -31.26 -6.88
N SER B 70 -1.57 -32.45 -7.47
CA SER B 70 -0.26 -33.02 -7.79
CA SER B 70 -0.26 -33.02 -7.79
C SER B 70 0.36 -32.47 -9.09
N ILE B 71 -0.36 -31.60 -9.79
CA ILE B 71 0.19 -30.95 -10.99
C ILE B 71 0.27 -29.42 -10.86
N THR B 72 -0.04 -28.91 -9.67
CA THR B 72 -0.13 -27.47 -9.41
C THR B 72 1.18 -26.70 -9.62
N SER B 73 2.30 -27.24 -9.14
CA SER B 73 3.59 -26.53 -9.21
C SER B 73 3.99 -26.17 -10.64
N ASN B 74 3.86 -27.12 -11.56
CA ASN B 74 4.34 -26.94 -12.92
C ASN B 74 3.25 -26.67 -13.94
N PHE B 75 2.04 -26.36 -13.47
CA PHE B 75 0.94 -26.09 -14.38
C PHE B 75 1.34 -24.98 -15.34
N ASP B 76 1.14 -25.24 -16.64
CA ASP B 76 1.58 -24.31 -17.67
C ASP B 76 0.52 -23.24 -17.89
N SER B 77 0.45 -22.30 -16.96
CA SER B 77 -0.55 -21.25 -16.99
C SER B 77 -0.29 -20.26 -18.11
N SER B 78 0.98 -20.11 -18.52
CA SER B 78 1.33 -19.22 -19.64
C SER B 78 0.67 -19.68 -20.93
N ASN B 79 0.70 -20.99 -21.18
CA ASN B 79 0.08 -21.58 -22.37
C ASN B 79 -1.44 -21.62 -22.21
N TRP B 80 -1.91 -21.99 -21.03
CA TRP B 80 -3.36 -22.05 -20.79
C TRP B 80 -4.04 -20.71 -21.01
N LEU B 81 -3.43 -19.64 -20.52
CA LEU B 81 -4.00 -18.31 -20.67
C LEU B 81 -4.04 -17.86 -22.14
N PHE B 82 -3.05 -18.27 -22.93
CA PHE B 82 -3.08 -17.97 -24.37
C PHE B 82 -4.22 -18.72 -25.05
N ASP B 83 -4.55 -19.90 -24.52
CA ASP B 83 -5.71 -20.65 -25.00
C ASP B 83 -7.02 -19.94 -24.72
N VAL B 84 -7.08 -19.18 -23.61
CA VAL B 84 -8.23 -18.30 -23.36
C VAL B 84 -8.33 -17.28 -24.49
N ALA B 85 -7.20 -16.61 -24.77
CA ALA B 85 -7.11 -15.62 -25.84
C ALA B 85 -5.66 -15.14 -25.97
N PRO B 86 -5.22 -14.82 -27.21
CA PRO B 86 -3.87 -14.27 -27.36
C PRO B 86 -3.64 -13.06 -26.44
N TYR B 87 -2.45 -12.96 -25.87
CA TYR B 87 -2.14 -11.84 -24.97
C TYR B 87 -0.85 -11.11 -25.34
N LEU B 88 -0.77 -9.85 -24.91
CA LEU B 88 0.41 -9.00 -25.12
C LEU B 88 1.41 -9.09 -23.98
N MET B 89 0.91 -9.39 -22.77
CA MET B 89 1.74 -9.31 -21.56
C MET B 89 1.19 -10.21 -20.48
N LEU B 90 2.11 -10.86 -19.76
CA LEU B 90 1.78 -11.73 -18.65
C LEU B 90 2.86 -11.64 -17.58
N TYR B 91 2.44 -11.44 -16.33
CA TYR B 91 3.35 -11.45 -15.19
C TYR B 91 2.60 -11.81 -13.92
N LYS B 92 3.35 -12.17 -12.88
CA LYS B 92 2.80 -12.48 -11.58
CA LYS B 92 2.78 -12.47 -11.58
C LYS B 92 2.88 -11.24 -10.70
N ASN B 93 1.74 -10.79 -10.18
CA ASN B 93 1.75 -9.57 -9.36
C ASN B 93 2.15 -9.85 -7.91
N GLU B 94 2.09 -8.82 -7.07
CA GLU B 94 2.53 -8.92 -5.67
C GLU B 94 1.69 -9.87 -4.83
N TYR B 95 0.51 -10.22 -5.32
CA TYR B 95 -0.40 -11.12 -4.60
C TYR B 95 -0.27 -12.57 -5.10
N GLY B 96 0.68 -12.80 -5.99
CA GLY B 96 0.87 -14.11 -6.60
C GLY B 96 -0.15 -14.44 -7.68
N THR B 97 -0.86 -13.42 -8.18
CA THR B 97 -1.88 -13.60 -9.23
C THR B 97 -1.26 -13.42 -10.60
N GLU B 98 -1.59 -14.29 -11.53
CA GLU B 98 -1.18 -14.11 -12.92
C GLU B 98 -2.04 -13.04 -13.56
N VAL B 99 -1.40 -11.98 -14.03
CA VAL B 99 -2.12 -10.85 -14.65
C VAL B 99 -1.78 -10.81 -16.12
N VAL B 100 -2.83 -10.75 -16.94
CA VAL B 100 -2.66 -10.77 -18.38
C VAL B 100 -3.31 -9.54 -19.03
N ILE B 101 -2.60 -8.93 -19.98
CA ILE B 101 -3.22 -7.98 -20.88
C ILE B 101 -3.41 -8.71 -22.22
N PHE B 102 -4.65 -9.05 -22.54
CA PHE B 102 -4.98 -9.71 -23.81
C PHE B 102 -4.73 -8.76 -24.99
N ASP B 103 -4.61 -9.29 -26.21
CA ASP B 103 -4.32 -8.42 -27.33
CA ASP B 103 -4.35 -8.49 -27.42
C ASP B 103 -5.44 -7.45 -27.69
N ASN B 104 -6.64 -7.72 -27.19
CA ASN B 104 -7.77 -6.77 -27.33
C ASN B 104 -7.79 -5.74 -26.18
N LEU B 105 -6.75 -5.78 -25.35
CA LEU B 105 -6.50 -4.87 -24.23
C LEU B 105 -7.40 -5.07 -23.00
N ILE B 106 -8.10 -6.20 -22.92
CA ILE B 106 -8.81 -6.56 -21.71
C ILE B 106 -7.81 -7.13 -20.71
N ARG B 107 -7.88 -6.65 -19.46
CA ARG B 107 -7.06 -7.18 -18.38
C ARG B 107 -7.74 -8.40 -17.77
N GLY B 108 -6.95 -9.42 -17.45
CA GLY B 108 -7.45 -10.57 -16.72
C GLY B 108 -6.54 -10.89 -15.55
N GLU B 109 -7.15 -11.25 -14.42
CA GLU B 109 -6.40 -11.67 -13.26
C GLU B 109 -6.81 -13.08 -12.89
N PHE B 110 -5.85 -14.00 -12.94
CA PHE B 110 -6.12 -15.41 -12.73
C PHE B 110 -5.24 -15.91 -11.59
N HIS B 111 -5.86 -16.29 -10.49
CA HIS B 111 -5.11 -16.84 -9.36
C HIS B 111 -5.15 -18.36 -9.39
N PHE B 112 -3.98 -18.96 -9.62
CA PHE B 112 -3.85 -20.40 -9.76
C PHE B 112 -3.35 -21.00 -8.46
N LEU B 113 -4.10 -21.97 -7.94
CA LEU B 113 -3.73 -22.63 -6.70
C LEU B 113 -4.35 -24.02 -6.63
N SER B 114 -3.77 -24.89 -5.81
CA SER B 114 -4.26 -26.24 -5.67
C SER B 114 -5.70 -26.26 -5.17
N GLU B 115 -6.48 -27.19 -5.70
CA GLU B 115 -7.79 -27.53 -5.16
C GLU B 115 -7.77 -27.69 -3.62
N LYS B 116 -6.64 -28.12 -3.07
CA LYS B 116 -6.49 -28.29 -1.61
C LYS B 116 -6.48 -26.97 -0.83
N ASP B 117 -6.36 -25.86 -1.55
CA ASP B 117 -6.34 -24.54 -0.95
C ASP B 117 -7.67 -23.81 -1.11
N MET B 118 -8.71 -24.56 -1.48
CA MET B 118 -10.03 -23.98 -1.65
C MET B 118 -10.57 -23.41 -0.32
N ASN B 119 -10.02 -23.90 0.80
CA ASN B 119 -10.38 -23.38 2.11
C ASN B 119 -10.02 -21.89 2.35
N ILE B 120 -9.41 -21.26 1.35
CA ILE B 120 -9.17 -19.82 1.37
C ILE B 120 -10.47 -19.03 1.24
N ILE B 121 -11.47 -19.65 0.61
CA ILE B 121 -12.69 -18.96 0.21
C ILE B 121 -13.47 -18.32 1.37
N PRO B 122 -13.69 -19.06 2.50
CA PRO B 122 -14.35 -18.44 3.65
C PRO B 122 -13.78 -17.09 4.11
N SER B 123 -12.46 -16.92 4.07
CA SER B 123 -11.85 -15.66 4.48
C SER B 123 -12.28 -14.48 3.58
N PHE B 124 -12.80 -14.81 2.39
CA PHE B 124 -13.29 -13.80 1.47
C PHE B 124 -14.50 -13.05 2.01
N LYS B 125 -15.19 -13.64 3.00
CA LYS B 125 -16.34 -12.97 3.62
C LYS B 125 -15.98 -11.63 4.27
N ASP B 126 -14.69 -11.45 4.58
CA ASP B 126 -14.17 -10.25 5.24
C ASP B 126 -13.85 -9.12 4.25
N SER B 127 -13.89 -9.43 2.96
CA SER B 127 -13.45 -8.49 1.91
C SER B 127 -14.51 -7.43 1.57
N GLY B 128 -15.76 -7.78 1.80
CA GLY B 128 -16.86 -6.90 1.43
C GLY B 128 -18.21 -7.56 1.46
N TYR B 129 -19.20 -6.86 0.90
CA TYR B 129 -20.56 -7.32 0.85
C TYR B 129 -20.72 -8.26 -0.34
N ILE B 130 -21.14 -9.49 -0.05
CA ILE B 130 -21.36 -10.49 -1.09
C ILE B 130 -22.83 -10.93 -1.01
N PRO B 131 -23.75 -10.13 -1.59
CA PRO B 131 -25.18 -10.47 -1.54
C PRO B 131 -25.53 -11.75 -2.28
N ASP B 132 -24.91 -11.97 -3.44
CA ASP B 132 -25.18 -13.15 -4.26
C ASP B 132 -23.91 -13.84 -4.71
N THR B 133 -23.99 -15.16 -4.81
CA THR B 133 -22.84 -16.00 -5.09
C THR B 133 -23.01 -16.75 -6.43
N LYS B 134 -24.20 -16.64 -7.02
CA LYS B 134 -24.56 -17.40 -8.24
C LYS B 134 -23.62 -17.17 -9.43
N ALA B 135 -23.27 -15.92 -9.69
CA ALA B 135 -22.36 -15.59 -10.81
C ALA B 135 -20.90 -16.01 -10.57
N MET B 136 -20.57 -16.35 -9.32
CA MET B 136 -19.23 -16.80 -8.93
C MET B 136 -18.92 -18.26 -9.30
N LEU B 137 -19.95 -19.08 -9.40
CA LEU B 137 -19.80 -20.50 -9.72
C LEU B 137 -19.65 -20.77 -11.22
N ILE B 138 -18.41 -20.91 -11.67
CA ILE B 138 -18.12 -21.15 -13.09
C ILE B 138 -18.01 -22.65 -13.39
N TYR B 139 -17.19 -23.34 -12.61
CA TYR B 139 -17.01 -24.79 -12.71
C TYR B 139 -16.73 -25.36 -11.32
N ASP B 140 -17.27 -26.55 -11.05
CA ASP B 140 -17.13 -27.17 -9.73
C ASP B 140 -17.24 -28.68 -9.83
N GLU B 141 -16.09 -29.33 -10.01
CA GLU B 141 -16.00 -30.77 -10.17
C GLU B 141 -16.65 -31.55 -9.02
N THR B 142 -16.26 -31.23 -7.80
CA THR B 142 -16.58 -32.03 -6.62
CA THR B 142 -16.60 -32.05 -6.63
C THR B 142 -17.83 -31.56 -5.87
N GLY B 143 -18.24 -30.33 -6.11
CA GLY B 143 -19.33 -29.74 -5.34
C GLY B 143 -18.80 -28.89 -4.20
N GLN B 144 -17.50 -29.03 -3.89
CA GLN B 144 -16.86 -28.29 -2.79
C GLN B 144 -16.89 -26.77 -2.97
N LEU B 145 -16.74 -26.31 -4.20
CA LEU B 145 -16.77 -24.87 -4.47
C LEU B 145 -18.13 -24.29 -4.12
N GLU B 146 -19.19 -24.93 -4.58
CA GLU B 146 -20.54 -24.49 -4.26
C GLU B 146 -20.79 -24.47 -2.74
N ASN B 147 -20.24 -25.44 -2.03
CA ASN B 147 -20.35 -25.47 -0.57
C ASN B 147 -19.63 -24.30 0.10
N TYR B 148 -18.42 -24.01 -0.36
CA TYR B 148 -17.68 -22.85 0.17
C TYR B 148 -18.39 -21.53 -0.11
N LEU B 149 -18.96 -21.42 -1.31
CA LEU B 149 -19.69 -20.20 -1.69
C LEU B 149 -20.95 -19.99 -0.85
N SER B 150 -21.64 -21.07 -0.47
CA SER B 150 -22.82 -20.95 0.38
C SER B 150 -22.47 -20.49 1.80
N GLU B 151 -21.20 -20.66 2.18
CA GLU B 151 -20.68 -20.14 3.45
C GLU B 151 -20.43 -18.63 3.44
N ILE B 152 -20.18 -18.07 2.26
CA ILE B 152 -19.91 -16.63 2.15
C ILE B 152 -21.08 -15.84 1.55
N SER B 153 -22.06 -16.54 1.00
CA SER B 153 -23.24 -15.91 0.41
C SER B 153 -23.99 -15.12 1.49
N GLY B 154 -24.23 -13.84 1.22
CA GLY B 154 -24.87 -12.95 2.16
C GLY B 154 -23.90 -12.22 3.08
N ALA B 155 -22.62 -12.54 2.98
CA ALA B 155 -21.58 -11.90 3.81
C ALA B 155 -21.69 -10.39 3.76
N ARG B 156 -21.68 -9.76 4.93
CA ARG B 156 -21.76 -8.30 5.00
C ARG B 156 -21.08 -7.79 6.28
N PRO B 157 -19.75 -7.52 6.20
CA PRO B 157 -19.01 -7.00 7.34
C PRO B 157 -19.65 -5.72 7.88
N ASN B 158 -19.79 -5.65 9.20
CA ASN B 158 -20.26 -4.43 9.83
C ASN B 158 -19.06 -3.52 9.98
N ARG B 159 -19.04 -2.45 9.20
CA ARG B 159 -17.92 -1.52 9.17
C ARG B 159 -18.14 -0.35 10.12
N LEU B 160 -19.37 -0.22 10.60
CA LEU B 160 -19.75 0.93 11.43
C LEU B 160 -19.49 0.63 12.91
N THR B 161 -18.21 0.54 13.26
CA THR B 161 -17.82 0.17 14.61
C THR B 161 -16.91 1.20 15.25
N GLU B 162 -16.96 1.27 16.58
CA GLU B 162 -16.07 2.13 17.36
C GLU B 162 -14.60 1.83 17.05
N GLU B 163 -14.29 0.56 16.87
CA GLU B 163 -12.95 0.09 16.53
C GLU B 163 -12.47 0.71 15.23
N ASN B 164 -13.32 0.67 14.20
CA ASN B 164 -12.98 1.22 12.89
C ASN B 164 -12.80 2.72 12.94
N ALA B 165 -13.69 3.42 13.65
CA ALA B 165 -13.63 4.88 13.74
C ALA B 165 -12.34 5.33 14.43
N ASN B 166 -11.98 4.65 15.52
CA ASN B 166 -10.74 4.91 16.24
C ASN B 166 -9.50 4.61 15.39
N PHE B 167 -9.48 3.47 14.71
CA PHE B 167 -8.31 3.14 13.88
C PHE B 167 -8.07 4.20 12.80
N LEU B 168 -9.15 4.57 12.08
CA LEU B 168 -9.08 5.53 11.00
C LEU B 168 -8.64 6.91 11.47
N LEU B 169 -9.16 7.37 12.61
CA LEU B 169 -8.78 8.67 13.14
C LEU B 169 -7.33 8.68 13.63
N CYS B 170 -6.93 7.60 14.30
CA CYS B 170 -5.53 7.40 14.72
C CYS B 170 -4.59 7.29 13.51
N ASN B 171 -5.00 6.48 12.53
CA ASN B 171 -4.19 6.25 11.33
C ASN B 171 -4.04 7.55 10.55
N PHE B 172 -5.12 8.31 10.44
CA PHE B 172 -5.06 9.62 9.80
C PHE B 172 -4.11 10.58 10.51
N SER B 173 -4.26 10.71 11.83
CA SER B 173 -3.44 11.64 12.62
C SER B 173 -1.95 11.32 12.47
N ASN B 174 -1.62 10.02 12.56
CA ASN B 174 -0.27 9.51 12.34
C ASN B 174 0.27 9.93 10.98
N LEU B 175 -0.48 9.60 9.92
CA LEU B 175 -0.06 9.88 8.56
C LEU B 175 -0.02 11.38 8.25
N TRP B 176 -1.00 12.14 8.74
CA TRP B 176 -1.05 13.58 8.51
C TRP B 176 0.15 14.30 9.12
N LEU B 177 0.48 13.94 10.37
CA LEU B 177 1.63 14.52 11.07
C LEU B 177 2.94 14.17 10.39
N MET B 178 3.10 12.90 10.02
CA MET B 178 4.25 12.46 9.23
C MET B 178 4.31 13.27 7.92
N GLY B 179 3.19 13.34 7.20
CA GLY B 179 3.13 14.08 5.95
C GLY B 179 3.46 15.56 6.05
N ILE B 180 2.89 16.24 7.03
CA ILE B 180 3.14 17.68 7.18
C ILE B 180 4.61 17.96 7.55
N ASN B 181 5.21 17.04 8.30
CA ASN B 181 6.62 17.12 8.62
C ASN B 181 7.51 17.01 7.39
N VAL B 182 7.26 16.00 6.54
CA VAL B 182 8.11 15.85 5.35
C VAL B 182 7.88 17.01 4.38
N LEU B 183 6.65 17.52 4.33
CA LEU B 183 6.35 18.72 3.55
C LEU B 183 7.14 19.93 4.03
N LYS B 184 7.15 20.16 5.35
CA LYS B 184 7.92 21.25 5.94
C LYS B 184 9.41 21.09 5.66
N ARG B 185 9.88 19.85 5.60
CA ARG B 185 11.28 19.56 5.28
C ARG B 185 11.63 19.98 3.84
N GLY B 186 10.65 19.89 2.96
CA GLY B 186 10.88 20.09 1.53
C GLY B 186 10.89 18.80 0.73
N GLU B 187 10.49 17.69 1.35
CA GLU B 187 10.32 16.43 0.62
C GLU B 187 8.94 16.38 -0.03
N TYR B 188 8.75 17.19 -1.07
CA TYR B 188 7.41 17.39 -1.67
C TYR B 188 6.80 16.13 -2.23
N ALA B 189 7.59 15.38 -3.00
CA ALA B 189 7.11 14.14 -3.61
C ALA B 189 6.68 13.11 -2.57
N ARG B 190 7.45 12.99 -1.49
CA ARG B 190 7.08 12.10 -0.39
C ARG B 190 5.82 12.56 0.35
N SER B 191 5.65 13.89 0.51
CA SER B 191 4.44 14.41 1.15
C SER B 191 3.20 14.13 0.30
N LEU B 192 3.40 14.09 -1.03
CA LEU B 192 2.33 13.77 -1.96
C LEU B 192 1.92 12.30 -1.83
N GLU B 193 2.93 11.43 -1.76
CA GLU B 193 2.72 10.00 -1.55
C GLU B 193 1.94 9.74 -0.25
N LEU B 194 2.32 10.42 0.83
CA LEU B 194 1.59 10.27 2.10
C LEU B 194 0.16 10.82 2.01
N LEU B 195 0.00 11.91 1.28
CA LEU B 195 -1.32 12.49 1.08
C LEU B 195 -2.28 11.51 0.41
N SER B 196 -1.77 10.72 -0.53
CA SER B 196 -2.63 9.74 -1.17
C SER B 196 -3.06 8.65 -0.19
N GLN B 197 -2.18 8.31 0.76
CA GLN B 197 -2.56 7.36 1.81
C GLN B 197 -3.59 7.98 2.76
N LEU B 198 -3.40 9.26 3.07
CA LEU B 198 -4.37 10.03 3.85
C LEU B 198 -5.73 10.02 3.19
N GLN B 199 -5.73 10.14 1.87
CA GLN B 199 -6.97 10.21 1.09
C GLN B 199 -7.80 8.93 1.17
N LYS B 200 -7.15 7.77 1.08
CA LYS B 200 -7.83 6.49 1.23
C LYS B 200 -8.56 6.40 2.57
N ASN B 201 -7.83 6.74 3.64
CA ASN B 201 -8.38 6.75 5.00
C ASN B 201 -9.57 7.70 5.14
N THR B 202 -9.44 8.88 4.54
CA THR B 202 -10.52 9.87 4.54
C THR B 202 -11.79 9.36 3.86
N LEU B 203 -11.63 8.66 2.74
CA LEU B 203 -12.78 8.06 2.04
C LEU B 203 -13.51 7.08 2.93
N GLN B 204 -12.76 6.27 3.68
CA GLN B 204 -13.34 5.34 4.63
C GLN B 204 -14.08 6.06 5.75
N LEU B 205 -13.52 7.18 6.22
CA LEU B 205 -14.18 8.01 7.24
C LEU B 205 -15.49 8.64 6.75
N ILE B 206 -15.49 9.10 5.49
CA ILE B 206 -16.68 9.66 4.86
C ILE B 206 -17.77 8.59 4.78
N ARG B 207 -17.38 7.38 4.36
CA ARG B 207 -18.33 6.26 4.24
C ARG B 207 -18.87 5.83 5.61
N MET B 208 -18.06 5.97 6.66
CA MET B 208 -18.53 5.76 8.03
C MET B 208 -19.53 6.82 8.44
N ALA B 209 -19.17 8.07 8.22
CA ALA B 209 -20.02 9.20 8.61
C ALA B 209 -21.36 9.21 7.88
N GLU B 210 -21.37 8.74 6.64
CA GLU B 210 -22.60 8.76 5.83
C GLU B 210 -23.30 7.40 5.82
N LYS B 211 -22.79 6.45 6.62
CA LYS B 211 -23.33 5.08 6.70
C LYS B 211 -23.53 4.44 5.32
N ASN B 212 -22.49 4.46 4.50
CA ASN B 212 -22.52 3.75 3.23
C ASN B 212 -21.17 3.07 3.02
N ALA B 213 -20.90 2.08 3.85
CA ALA B 213 -19.54 1.56 4.00
C ALA B 213 -19.27 0.17 3.43
N ASP B 214 -20.23 -0.38 2.66
CA ASP B 214 -20.05 -1.70 2.05
C ASP B 214 -18.79 -1.75 1.18
N ASN B 215 -18.60 -0.72 0.37
CA ASN B 215 -17.37 -0.60 -0.42
C ASN B 215 -16.27 0.00 0.48
N TRP B 216 -15.64 -0.88 1.25
CA TRP B 216 -14.76 -0.49 2.36
C TRP B 216 -13.28 -0.56 2.00
N LEU B 217 -12.82 -1.74 1.61
CA LEU B 217 -11.43 -1.92 1.16
C LEU B 217 -11.27 -1.31 -0.21
N ASN B 218 -12.34 -1.39 -1.01
CA ASN B 218 -12.43 -0.75 -2.31
C ASN B 218 -13.14 0.59 -2.16
N MET B 219 -12.58 1.45 -1.31
CA MET B 219 -13.27 2.65 -0.82
C MET B 219 -13.62 3.68 -1.89
N SER B 220 -12.89 3.65 -3.01
CA SER B 220 -13.12 4.59 -4.10
C SER B 220 -14.03 4.06 -5.20
N LYS B 221 -14.33 2.76 -5.16
CA LYS B 221 -15.26 2.17 -6.14
C LYS B 221 -16.60 2.88 -6.03
N ASN B 222 -17.15 3.27 -7.18
CA ASN B 222 -18.47 3.93 -7.23
C ASN B 222 -18.59 5.22 -6.41
N LEU B 223 -17.47 5.88 -6.09
CA LEU B 223 -17.52 7.01 -5.16
C LEU B 223 -18.46 8.11 -5.63
N GLU B 224 -18.39 8.42 -6.92
CA GLU B 224 -19.20 9.46 -7.54
C GLU B 224 -20.71 9.18 -7.40
N LYS B 225 -21.07 7.91 -7.21
CA LYS B 225 -22.47 7.49 -7.05
C LYS B 225 -22.88 7.28 -5.59
N GLU B 226 -21.90 7.15 -4.70
CA GLU B 226 -22.17 6.62 -3.36
C GLU B 226 -22.05 7.60 -2.20
N ILE B 227 -21.46 8.77 -2.42
CA ILE B 227 -21.36 9.76 -1.33
C ILE B 227 -21.96 11.10 -1.73
N SER B 228 -22.35 11.86 -0.70
CA SER B 228 -22.92 13.20 -0.86
C SER B 228 -22.01 14.10 -1.68
N LEU B 229 -22.61 14.94 -2.50
CA LEU B 229 -21.85 15.98 -3.19
C LEU B 229 -21.03 16.81 -2.20
N GLU B 230 -21.65 17.18 -1.08
CA GLU B 230 -20.98 17.97 -0.03
C GLU B 230 -19.60 17.40 0.32
N ASN B 231 -19.56 16.12 0.72
CA ASN B 231 -18.28 15.49 1.11
C ASN B 231 -17.39 15.16 -0.07
N TYR B 232 -17.99 14.91 -1.23
CA TYR B 232 -17.21 14.70 -2.45
C TYR B 232 -16.36 15.94 -2.73
N LYS B 233 -17.00 17.11 -2.71
CA LYS B 233 -16.31 18.38 -2.96
C LYS B 233 -15.24 18.67 -1.91
N LYS B 234 -15.54 18.39 -0.65
CA LYS B 234 -14.55 18.55 0.43
C LYS B 234 -13.35 17.63 0.22
N PHE B 235 -13.63 16.38 -0.18
CA PHE B 235 -12.56 15.44 -0.52
C PHE B 235 -11.69 15.93 -1.68
N ALA B 236 -12.32 16.43 -2.74
CA ALA B 236 -11.60 16.98 -3.90
C ALA B 236 -10.61 18.07 -3.48
N LYS B 237 -11.00 18.87 -2.49
CA LYS B 237 -10.14 19.93 -1.94
C LYS B 237 -8.89 19.41 -1.22
N THR B 238 -8.86 18.11 -0.94
CA THR B 238 -7.72 17.49 -0.26
C THR B 238 -6.71 16.90 -1.24
N THR B 239 -6.92 17.15 -2.53
CA THR B 239 -6.04 16.64 -3.57
C THR B 239 -5.10 17.73 -4.07
N ALA B 240 -3.94 17.33 -4.58
CA ALA B 240 -2.88 18.26 -4.94
C ALA B 240 -2.03 17.73 -6.08
N ARG B 241 -1.48 18.63 -6.89
CA ARG B 241 -0.39 18.26 -7.79
C ARG B 241 0.94 18.42 -7.05
N LEU B 242 2.05 18.04 -7.69
CA LEU B 242 3.36 18.15 -7.05
C LEU B 242 3.81 19.61 -7.02
N ASP B 243 3.36 20.30 -5.97
CA ASP B 243 3.57 21.73 -5.83
C ASP B 243 3.40 22.11 -4.35
N LYS B 244 4.39 22.82 -3.81
CA LYS B 244 4.42 23.25 -2.41
C LYS B 244 3.11 23.89 -1.93
N VAL B 245 2.67 24.93 -2.64
CA VAL B 245 1.45 25.64 -2.26
C VAL B 245 0.22 24.72 -2.32
N GLU B 246 0.10 23.95 -3.40
CA GLU B 246 -1.03 23.02 -3.55
C GLU B 246 -1.03 21.93 -2.48
N LEU B 247 0.16 21.43 -2.14
CA LEU B 247 0.33 20.45 -1.07
C LEU B 247 -0.09 20.99 0.31
N PHE B 248 0.42 22.16 0.66
CA PHE B 248 -0.01 22.82 1.90
C PHE B 248 -1.53 22.99 2.00
N GLU B 249 -2.16 23.46 0.93
CA GLU B 249 -3.62 23.62 0.90
C GLU B 249 -4.36 22.31 1.11
N ALA B 250 -3.92 21.27 0.40
CA ALA B 250 -4.49 19.94 0.48
C ALA B 250 -4.37 19.34 1.88
N TYR B 251 -3.18 19.47 2.48
CA TYR B 251 -2.95 19.01 3.86
C TYR B 251 -3.85 19.74 4.87
N LYS B 252 -3.94 21.06 4.74
CA LYS B 252 -4.83 21.84 5.60
C LYS B 252 -6.29 21.39 5.40
N ASN B 253 -6.73 21.28 4.15
CA ASN B 253 -8.11 20.89 3.86
C ASN B 253 -8.42 19.47 4.30
N SER B 254 -7.40 18.60 4.30
CA SER B 254 -7.54 17.22 4.79
C SER B 254 -7.88 17.20 6.27
N LEU B 255 -7.16 18.03 7.03
CA LEU B 255 -7.39 18.14 8.45
C LEU B 255 -8.77 18.72 8.77
N LEU B 256 -9.10 19.83 8.12
CA LEU B 256 -10.41 20.48 8.30
C LEU B 256 -11.57 19.52 8.03
N LEU B 257 -11.43 18.68 7.00
CA LEU B 257 -12.44 17.68 6.65
C LEU B 257 -12.57 16.61 7.72
N VAL B 258 -11.43 16.10 8.19
CA VAL B 258 -11.43 15.12 9.27
C VAL B 258 -12.01 15.73 10.56
N MET B 259 -11.73 17.00 10.81
CA MET B 259 -12.37 17.69 11.95
C MET B 259 -13.90 17.69 11.85
N ASP B 260 -14.42 17.96 10.65
CA ASP B 260 -15.86 17.85 10.38
C ASP B 260 -16.36 16.42 10.65
N LEU B 261 -15.63 15.45 10.10
CA LEU B 261 -16.03 14.04 10.24
C LEU B 261 -15.99 13.56 11.69
N GLN B 262 -14.95 13.97 12.42
CA GLN B 262 -14.79 13.60 13.83
C GLN B 262 -15.93 14.14 14.69
N SER B 263 -16.33 15.39 14.46
CA SER B 263 -17.42 16.01 15.22
C SER B 263 -18.78 15.35 14.90
N HIS B 264 -18.88 14.76 13.72
CA HIS B 264 -20.03 13.91 13.40
C HIS B 264 -19.94 12.54 14.08
N LEU B 265 -18.77 11.90 13.94
CA LEU B 265 -18.57 10.55 14.48
C LEU B 265 -18.58 10.46 16.02
N ILE B 266 -18.25 11.57 16.69
CA ILE B 266 -18.23 11.62 18.16
C ILE B 266 -19.61 11.33 18.76
N GLU B 267 -20.65 11.74 18.03
CA GLU B 267 -22.05 11.47 18.38
C GLU B 267 -22.38 9.96 18.45
N GLN B 268 -21.64 9.14 17.73
CA GLN B 268 -21.93 7.70 17.61
C GLN B 268 -20.94 6.78 18.34
N TYR B 269 -19.69 7.22 18.43
CA TYR B 269 -18.65 6.40 19.03
C TYR B 269 -17.84 7.15 20.08
N ASN B 270 -17.21 6.40 20.98
CA ASN B 270 -16.25 6.95 21.93
C ASN B 270 -14.88 7.01 21.27
N LEU B 271 -14.41 8.23 21.02
CA LEU B 271 -13.22 8.45 20.20
C LEU B 271 -11.99 8.84 21.03
N LYS B 272 -10.86 8.22 20.72
CA LYS B 272 -9.59 8.49 21.40
C LYS B 272 -8.88 9.70 20.81
N VAL B 273 -9.05 9.92 19.51
CA VAL B 273 -8.63 11.15 18.85
C VAL B 273 -9.73 12.21 19.01
N THR B 274 -9.43 13.23 19.83
CA THR B 274 -10.40 14.25 20.18
C THR B 274 -10.26 15.50 19.31
N HIS B 275 -11.23 16.40 19.38
CA HIS B 275 -11.16 17.67 18.66
C HIS B 275 -9.92 18.46 19.10
N ASP B 276 -9.62 18.40 20.40
CA ASP B 276 -8.44 19.08 20.96
C ASP B 276 -7.15 18.63 20.27
N ILE B 277 -6.99 17.32 20.12
CA ILE B 277 -5.82 16.73 19.46
C ILE B 277 -5.72 17.16 17.99
N LEU B 278 -6.86 17.16 17.29
CA LEU B 278 -6.90 17.66 15.93
C LEU B 278 -6.59 19.16 15.86
N GLU B 279 -7.01 19.91 16.88
CA GLU B 279 -6.69 21.34 16.98
C GLU B 279 -5.18 21.57 17.10
N ARG B 280 -4.50 20.71 17.85
CA ARG B 280 -3.05 20.83 18.03
CA ARG B 280 -3.05 20.79 18.04
C ARG B 280 -2.33 20.59 16.70
N LEU B 281 -2.79 19.60 15.93
CA LEU B 281 -2.25 19.35 14.59
C LEU B 281 -2.46 20.56 13.69
N LEU B 282 -3.66 21.15 13.76
CA LEU B 282 -3.98 22.33 12.96
C LEU B 282 -3.05 23.51 13.24
N ASN B 283 -2.82 23.78 14.52
CA ASN B 283 -1.92 24.84 14.94
C ASN B 283 -0.49 24.59 14.45
N TYR B 284 -0.10 23.32 14.42
CA TYR B 284 1.25 22.93 14.04
C TYR B 284 1.67 23.35 12.62
N ILE B 285 0.69 23.50 11.71
CA ILE B 285 0.98 23.84 10.31
C ILE B 285 1.89 25.08 10.16
N SER B 286 1.62 26.10 10.98
CA SER B 286 2.36 27.36 10.91
C SER B 286 3.50 27.46 11.93
N GLU B 287 3.81 26.34 12.62
CA GLU B 287 4.94 26.30 13.54
C GLU B 287 6.24 26.11 12.77
#